data_8TM0
#
_entry.id   8TM0
#
_cell.length_a   56.083
_cell.length_b   68.354
_cell.length_c   140.040
_cell.angle_alpha   90.00
_cell.angle_beta   90.00
_cell.angle_gamma   90.00
#
_symmetry.space_group_name_H-M   'P 21 21 21'
#
loop_
_entity.id
_entity.type
_entity.pdbx_description
1 polymer 'NKG2-D type II integral membrane protein'
2 polymer 'MHC class I polypeptide-related sequence A'
3 branched 2-acetamido-2-deoxy-beta-D-glucopyranose-(1-4)-2-acetamido-2-deoxy-beta-D-glucopyranose
4 non-polymer 2-acetamido-2-deoxy-beta-D-glucopyranose
#
loop_
_entity_poly.entity_id
_entity_poly.type
_entity_poly.pdbx_seq_one_letter_code
_entity_poly.pdbx_strand_id
1 'polypeptide(L)'
;GSNQEVQIPLTESYCGPCPKNWICYKNNCYQFFDESKNWYESQASCMSQNASLLKVYSKEDQDLLKLVKSYHWMGLVHIP
TNGSWQWEDGSILSPNLLTIIEMQKGDCALYASSFKGYIENCSTPNTYICMQRTVQIPLTESYCGPCPKNWICYKNNCYQ
FFDESKNWYESQASCMSQNASLLKVYSKEDQDLLKLVKSYHWMGLVHIPTNGSWQWEDGSILSPNLLTIIEMQKGDCALY
ASSFKGYIENCSTPNTYICMQRTV
;
A
2 'polypeptide(L)'
;EPHSLRYNLTVLSWDGSVQSGFLTEVHLDGQPFLRCDRQKCRAKPQGQWAEDVLGNKTWDRETRDLTGWGKDLRMTLAHI
KDQKEGLHSLQEIRVCEIHEDNSTRSSQHFYYDGELFLSQNLETLEWTMPQSSRAQTLAMNVRNFLKEDAMETDTHYHAM
RADCLSELRRYLKSGVVLRRTVHHHHHH
;
C
#
loop_
_chem_comp.id
_chem_comp.type
_chem_comp.name
_chem_comp.formula
NAG D-saccharide, beta linking 2-acetamido-2-deoxy-beta-D-glucopyranose 'C8 H15 N O6'
#
# COMPACT_ATOMS: atom_id res chain seq x y z
N THR A 11 -8.42 -25.56 -10.31
CA THR A 11 -9.03 -25.24 -11.63
C THR A 11 -8.09 -25.56 -12.75
N GLU A 12 -6.91 -24.95 -12.68
CA GLU A 12 -5.84 -25.20 -13.61
C GLU A 12 -6.28 -24.81 -15.06
N SER A 13 -6.44 -23.49 -15.21
CA SER A 13 -6.87 -22.83 -16.44
C SER A 13 -5.79 -21.87 -16.94
N TYR A 14 -5.55 -21.82 -18.25
CA TYR A 14 -4.55 -20.87 -18.81
C TYR A 14 -5.13 -19.49 -18.94
N CYS A 15 -4.49 -18.51 -18.34
CA CYS A 15 -4.97 -17.14 -18.44
C CYS A 15 -4.83 -16.67 -19.89
N GLY A 16 -5.89 -16.06 -20.40
CA GLY A 16 -6.06 -15.84 -21.84
C GLY A 16 -5.12 -14.83 -22.48
N PRO A 17 -5.26 -14.62 -23.81
CA PRO A 17 -4.30 -13.84 -24.61
C PRO A 17 -3.93 -12.51 -23.96
N CYS A 18 -2.67 -12.36 -23.61
CA CYS A 18 -2.18 -11.07 -23.11
C CYS A 18 -0.85 -10.80 -23.75
N PRO A 19 -0.37 -9.55 -23.67
CA PRO A 19 1.00 -9.29 -24.08
C PRO A 19 2.02 -9.99 -23.17
N LYS A 20 3.21 -10.28 -23.71
CA LYS A 20 4.21 -11.12 -23.03
C LYS A 20 4.60 -10.51 -21.71
N ASN A 21 4.55 -11.34 -20.66
CA ASN A 21 4.92 -10.94 -19.30
C ASN A 21 4.09 -9.78 -18.74
N TRP A 22 2.82 -9.80 -19.12
CA TRP A 22 1.85 -8.96 -18.47
C TRP A 22 1.18 -9.78 -17.42
N ILE A 23 0.58 -9.06 -16.48
CA ILE A 23 -0.21 -9.69 -15.45
C ILE A 23 -1.56 -10.00 -16.07
N CYS A 24 -1.99 -11.24 -15.90
CA CYS A 24 -3.26 -11.66 -16.43
C CYS A 24 -4.12 -12.10 -15.25
N TYR A 25 -5.27 -11.45 -15.08
CA TYR A 25 -6.14 -11.70 -13.94
C TYR A 25 -7.57 -11.51 -14.35
N LYS A 26 -8.33 -12.61 -14.32
CA LYS A 26 -9.75 -12.59 -14.60
C LYS A 26 -10.07 -11.94 -15.95
N ASN A 27 -9.49 -12.51 -17.01
CA ASN A 27 -9.70 -12.05 -18.40
C ASN A 27 -9.25 -10.60 -18.65
N ASN A 28 -8.27 -10.14 -17.90
CA ASN A 28 -7.78 -8.78 -18.07
C ASN A 28 -6.28 -8.80 -17.93
N CYS A 29 -5.62 -8.18 -18.89
CA CYS A 29 -4.18 -8.06 -18.87
C CYS A 29 -3.86 -6.73 -18.22
N TYR A 30 -2.75 -6.69 -17.52
CA TYR A 30 -2.31 -5.48 -16.85
C TYR A 30 -0.78 -5.35 -16.93
N GLN A 31 -0.29 -4.11 -16.88
CA GLN A 31 1.14 -3.83 -16.73
C GLN A 31 1.38 -2.51 -16.00
N PHE A 32 2.37 -2.53 -15.12
CA PHE A 32 2.73 -1.37 -14.34
C PHE A 32 4.00 -0.79 -14.83
N PHE A 33 3.93 0.47 -15.21
CA PHE A 33 5.10 1.16 -15.70
C PHE A 33 5.61 2.07 -14.60
N ASP A 34 6.74 1.74 -14.00
CA ASP A 34 7.36 2.59 -12.99
C ASP A 34 8.17 3.78 -13.59
N GLU A 35 8.10 3.96 -14.91
CA GLU A 35 8.63 5.14 -15.57
C GLU A 35 7.55 6.19 -15.43
N SER A 36 7.87 7.29 -14.78
CA SER A 36 6.89 8.32 -14.52
C SER A 36 6.75 9.21 -15.74
N LYS A 37 5.59 9.15 -16.39
CA LYS A 37 5.28 10.07 -17.50
C LYS A 37 4.04 10.81 -17.12
N ASN A 38 3.72 11.87 -17.85
CA ASN A 38 2.46 12.55 -17.60
C ASN A 38 1.31 11.71 -18.12
N TRP A 39 0.10 12.15 -17.87
CA TRP A 39 -1.06 11.37 -18.23
C TRP A 39 -1.11 11.14 -19.72
N TYR A 40 -0.83 12.17 -20.49
CA TYR A 40 -0.97 12.10 -21.93
C TYR A 40 0.02 11.13 -22.50
N GLU A 41 1.26 11.30 -22.07
CA GLU A 41 2.35 10.41 -22.43
C GLU A 41 2.01 8.98 -22.04
N SER A 42 1.42 8.83 -20.85
CA SER A 42 1.09 7.53 -20.35
C SER A 42 0.00 6.85 -21.15
N GLN A 43 -0.97 7.63 -21.61
CA GLN A 43 -2.05 7.10 -22.44
C GLN A 43 -1.52 6.64 -23.78
N ALA A 44 -0.70 7.49 -24.37
CA ALA A 44 -0.06 7.13 -25.60
C ALA A 44 0.79 5.87 -25.44
N SER A 45 1.50 5.77 -24.32
CA SER A 45 2.33 4.59 -24.01
C SER A 45 1.51 3.32 -24.00
N CYS A 46 0.33 3.39 -23.40
CA CYS A 46 -0.56 2.24 -23.40
C CYS A 46 -1.15 1.97 -24.76
N MET A 47 -1.49 3.05 -25.47
CA MET A 47 -1.99 2.92 -26.83
C MET A 47 -0.96 2.31 -27.78
N SER A 48 0.30 2.69 -27.59
CA SER A 48 1.39 2.14 -28.40
C SER A 48 1.56 0.63 -28.18
N GLN A 49 1.08 0.12 -27.05
CA GLN A 49 1.04 -1.31 -26.80
C GLN A 49 -0.35 -1.92 -27.06
N ASN A 50 -1.11 -1.33 -28.00
CA ASN A 50 -2.45 -1.82 -28.43
C ASN A 50 -3.42 -1.99 -27.24
N ALA A 51 -3.33 -1.06 -26.31
CA ALA A 51 -4.04 -1.15 -25.03
C ALA A 51 -4.45 0.27 -24.62
N SER A 52 -4.77 0.45 -23.34
CA SER A 52 -4.99 1.79 -22.80
C SER A 52 -4.75 1.80 -21.29
N LEU A 53 -4.88 3.00 -20.71
CA LEU A 53 -4.74 3.17 -19.28
C LEU A 53 -5.81 2.41 -18.52
N LEU A 54 -5.50 2.12 -17.26
CA LEU A 54 -6.37 1.31 -16.39
C LEU A 54 -7.81 1.81 -16.35
N LYS A 55 -8.73 0.94 -16.76
CA LYS A 55 -10.17 1.14 -16.53
C LYS A 55 -10.59 0.26 -15.35
N VAL A 56 -11.30 0.86 -14.41
CA VAL A 56 -11.75 0.20 -13.20
C VAL A 56 -13.25 0.06 -13.34
N TYR A 57 -13.68 -1.16 -13.63
CA TYR A 57 -15.09 -1.44 -13.87
C TYR A 57 -15.73 -2.28 -12.79
N SER A 58 -14.95 -2.89 -11.91
CA SER A 58 -15.50 -3.83 -10.95
C SER A 58 -14.52 -4.07 -9.85
N LYS A 59 -14.98 -3.95 -8.61
CA LYS A 59 -14.14 -4.27 -7.47
C LYS A 59 -13.84 -5.75 -7.36
N GLU A 60 -14.72 -6.56 -7.92
CA GLU A 60 -14.65 -7.99 -7.73
C GLU A 60 -13.67 -8.57 -8.71
N ASP A 61 -13.83 -8.21 -9.99
CA ASP A 61 -12.94 -8.68 -11.04
C ASP A 61 -11.56 -8.05 -11.01
N GLN A 62 -11.42 -6.93 -10.30
CA GLN A 62 -10.16 -6.20 -10.25
C GLN A 62 -9.69 -6.00 -8.82
N ASP A 63 -9.95 -6.99 -7.97
CA ASP A 63 -9.55 -6.89 -6.57
C ASP A 63 -8.02 -7.00 -6.39
N LEU A 64 -7.30 -7.40 -7.44
CA LEU A 64 -5.85 -7.29 -7.46
C LEU A 64 -5.39 -5.85 -7.12
N LEU A 65 -6.21 -4.88 -7.51
CA LEU A 65 -5.89 -3.46 -7.35
C LEU A 65 -5.94 -2.99 -5.92
N LYS A 66 -6.49 -3.80 -5.03
CA LYS A 66 -6.53 -3.46 -3.64
C LYS A 66 -5.14 -3.45 -3.01
N LEU A 67 -4.19 -4.20 -3.57
CA LEU A 67 -2.86 -4.31 -2.96
C LEU A 67 -1.77 -3.41 -3.53
N VAL A 68 -2.13 -2.53 -4.46
CA VAL A 68 -1.14 -1.73 -5.17
C VAL A 68 -0.53 -0.59 -4.34
N LYS A 69 0.80 -0.51 -4.35
CA LYS A 69 1.54 0.56 -3.68
C LYS A 69 1.55 1.79 -4.56
N SER A 70 1.63 2.96 -3.94
CA SER A 70 1.86 4.23 -4.62
C SER A 70 0.71 4.69 -5.53
N TYR A 71 0.98 5.68 -6.36
CA TYR A 71 -0.06 6.33 -7.13
C TYR A 71 0.29 6.17 -8.57
N HIS A 72 -0.70 5.79 -9.37
CA HIS A 72 -0.47 5.52 -10.77
C HIS A 72 -1.54 6.13 -11.60
N TRP A 73 -1.14 6.71 -12.72
CA TRP A 73 -2.08 7.27 -13.67
C TRP A 73 -3.06 6.22 -14.07
N MET A 74 -4.31 6.64 -14.10
CA MET A 74 -5.44 5.80 -14.33
C MET A 74 -6.11 6.41 -15.53
N GLY A 75 -6.89 5.60 -16.24
CA GLY A 75 -7.58 6.06 -17.44
C GLY A 75 -8.72 7.08 -17.24
N LEU A 76 -8.95 7.51 -15.99
CA LEU A 76 -10.08 8.35 -15.64
C LEU A 76 -9.76 9.80 -15.92
N VAL A 77 -10.75 10.51 -16.45
CA VAL A 77 -10.57 11.92 -16.80
C VAL A 77 -11.78 12.72 -16.44
N HIS A 78 -11.54 14.00 -16.16
CA HIS A 78 -12.58 14.91 -15.80
C HIS A 78 -12.93 15.71 -17.01
N ILE A 79 -14.22 15.95 -17.16
CA ILE A 79 -14.70 16.77 -18.23
C ILE A 79 -15.05 18.10 -17.56
N PRO A 80 -14.39 19.19 -17.96
CA PRO A 80 -14.72 20.52 -17.44
C PRO A 80 -16.18 20.94 -17.64
N THR A 81 -16.74 20.65 -18.82
CA THR A 81 -18.10 21.06 -19.12
C THR A 81 -19.14 20.25 -18.34
N ASN A 82 -19.12 18.92 -18.54
CA ASN A 82 -19.96 17.99 -17.76
C ASN A 82 -19.74 18.16 -16.28
N GLY A 83 -18.47 18.23 -15.87
CA GLY A 83 -18.10 18.14 -14.48
C GLY A 83 -18.13 16.69 -14.02
N SER A 84 -18.12 15.76 -14.98
CA SER A 84 -18.30 14.36 -14.69
C SER A 84 -16.99 13.70 -14.97
N TRP A 85 -16.80 12.57 -14.32
CA TRP A 85 -15.65 11.76 -14.56
C TRP A 85 -16.05 10.64 -15.54
N GLN A 86 -15.25 10.47 -16.59
CA GLN A 86 -15.41 9.40 -17.57
C GLN A 86 -14.08 8.69 -17.80
N TRP A 87 -14.17 7.48 -18.33
CA TRP A 87 -12.98 6.74 -18.76
C TRP A 87 -12.55 7.28 -20.11
N GLU A 88 -11.25 7.13 -20.39
CA GLU A 88 -10.63 7.61 -21.64
C GLU A 88 -11.51 7.40 -22.88
N ASP A 89 -12.10 6.21 -23.01
CA ASP A 89 -12.93 5.86 -24.16
C ASP A 89 -14.37 6.43 -24.13
N GLY A 90 -14.71 7.22 -23.11
CA GLY A 90 -16.06 7.77 -22.97
C GLY A 90 -16.96 7.03 -22.01
N SER A 91 -16.62 5.78 -21.66
CA SER A 91 -17.42 5.00 -20.73
C SER A 91 -17.66 5.73 -19.40
N ILE A 92 -18.89 5.63 -18.88
CA ILE A 92 -19.29 6.30 -17.64
C ILE A 92 -18.62 5.64 -16.44
N LEU A 93 -18.29 6.44 -15.44
CA LEU A 93 -17.72 5.92 -14.19
C LEU A 93 -18.86 5.45 -13.32
N SER A 94 -18.93 4.13 -13.14
CA SER A 94 -19.96 3.55 -12.30
C SER A 94 -19.68 3.88 -10.83
N PRO A 95 -20.74 4.11 -10.03
CA PRO A 95 -20.48 4.38 -8.63
C PRO A 95 -20.17 3.08 -7.90
N ASN A 96 -19.79 3.20 -6.63
CA ASN A 96 -19.41 2.06 -5.78
C ASN A 96 -18.20 1.32 -6.38
N LEU A 97 -17.31 2.11 -6.95
CA LEU A 97 -16.05 1.63 -7.43
C LEU A 97 -15.03 2.52 -6.76
N LEU A 98 -15.04 3.81 -7.08
CA LEU A 98 -13.96 4.69 -6.69
C LEU A 98 -14.37 5.76 -5.68
N THR A 99 -13.41 6.17 -4.86
CA THR A 99 -13.56 7.34 -4.04
C THR A 99 -12.70 8.43 -4.66
N ILE A 100 -13.35 9.46 -5.18
CA ILE A 100 -12.64 10.55 -5.85
C ILE A 100 -12.17 11.54 -4.79
N ILE A 101 -10.88 11.81 -4.75
CA ILE A 101 -10.31 12.66 -3.73
C ILE A 101 -9.66 13.87 -4.37
N GLU A 102 -9.96 15.05 -3.83
CA GLU A 102 -9.39 16.30 -4.33
C GLU A 102 -8.03 16.47 -3.70
N MET A 103 -6.99 16.12 -4.45
CA MET A 103 -5.62 16.31 -4.02
C MET A 103 -5.05 17.55 -4.67
N GLN A 104 -4.85 17.48 -5.98
CA GLN A 104 -4.38 18.63 -6.69
C GLN A 104 -5.50 19.12 -7.56
N LYS A 105 -5.42 20.38 -7.95
CA LYS A 105 -6.26 20.89 -9.02
C LYS A 105 -5.78 20.25 -10.35
N GLY A 106 -6.71 19.59 -11.05
CA GLY A 106 -6.39 18.94 -12.32
C GLY A 106 -7.56 18.14 -12.87
N ASP A 107 -7.41 17.61 -14.08
CA ASP A 107 -8.49 16.89 -14.76
C ASP A 107 -8.14 15.43 -15.06
N CYS A 108 -7.25 14.86 -14.25
CA CYS A 108 -6.87 13.47 -14.37
C CYS A 108 -6.79 12.91 -12.96
N ALA A 109 -6.74 11.59 -12.88
CA ALA A 109 -6.79 10.93 -11.60
C ALA A 109 -5.73 9.86 -11.50
N LEU A 110 -5.07 9.83 -10.35
CA LEU A 110 -4.17 8.75 -10.03
C LEU A 110 -4.96 7.69 -9.31
N TYR A 111 -4.81 6.44 -9.74
CA TYR A 111 -5.30 5.33 -8.92
C TYR A 111 -4.39 5.12 -7.71
N ALA A 112 -5.00 4.78 -6.58
CA ALA A 112 -4.28 4.26 -5.43
C ALA A 112 -5.20 3.31 -4.66
N SER A 113 -4.58 2.44 -3.87
CA SER A 113 -5.28 1.31 -3.30
C SER A 113 -6.31 1.66 -2.25
N SER A 114 -7.21 0.70 -2.06
CA SER A 114 -8.54 0.87 -1.42
C SER A 114 -9.48 1.56 -2.42
N PHE A 115 -9.27 1.26 -3.70
CA PHE A 115 -10.03 1.83 -4.79
C PHE A 115 -10.22 3.34 -4.72
N LYS A 116 -9.14 4.05 -4.42
CA LYS A 116 -9.15 5.51 -4.35
C LYS A 116 -8.62 6.15 -5.62
N GLY A 117 -8.98 7.40 -5.86
CA GLY A 117 -8.69 8.10 -7.12
C GLY A 117 -8.37 9.54 -6.80
N TYR A 118 -7.09 9.89 -6.85
CA TYR A 118 -6.61 11.20 -6.45
C TYR A 118 -6.49 12.13 -7.63
N ILE A 119 -7.11 13.29 -7.50
CA ILE A 119 -7.20 14.22 -8.59
C ILE A 119 -5.87 14.91 -8.73
N GLU A 120 -5.31 14.81 -9.91
CA GLU A 120 -3.96 15.26 -10.15
C GLU A 120 -3.94 16.04 -11.44
N ASN A 121 -2.97 16.95 -11.54
CA ASN A 121 -2.74 17.69 -12.76
C ASN A 121 -2.16 16.76 -13.83
N CYS A 122 -2.79 16.71 -15.00
CA CYS A 122 -2.46 15.74 -16.06
C CYS A 122 -1.04 15.81 -16.57
N SER A 123 -0.40 16.97 -16.40
CA SER A 123 0.97 17.14 -16.85
C SER A 123 2.03 16.81 -15.77
N THR A 124 1.59 16.26 -14.64
CA THR A 124 2.51 15.86 -13.60
C THR A 124 2.96 14.45 -13.87
N PRO A 125 4.29 14.24 -14.00
CA PRO A 125 4.77 12.89 -14.18
C PRO A 125 4.39 11.98 -13.04
N ASN A 126 3.85 10.82 -13.38
CA ASN A 126 3.52 9.77 -12.43
C ASN A 126 3.63 8.46 -13.13
N THR A 127 3.69 7.40 -12.33
CA THR A 127 3.79 6.07 -12.88
C THR A 127 2.41 5.71 -13.39
N TYR A 128 2.29 4.62 -14.14
CA TYR A 128 1.01 4.31 -14.79
C TYR A 128 0.76 2.84 -15.05
N ILE A 129 -0.51 2.53 -15.23
CA ILE A 129 -0.96 1.18 -15.39
C ILE A 129 -1.70 1.12 -16.69
N CYS A 130 -1.22 0.26 -17.57
CA CYS A 130 -1.98 -0.08 -18.77
C CYS A 130 -2.82 -1.31 -18.47
N MET A 131 -3.99 -1.39 -19.08
CA MET A 131 -4.87 -2.57 -18.96
C MET A 131 -5.56 -2.81 -20.28
N GLN A 132 -5.67 -4.09 -20.65
CA GLN A 132 -6.44 -4.50 -21.82
C GLN A 132 -7.14 -5.82 -21.53
N ARG A 133 -8.35 -5.97 -22.07
CA ARG A 133 -9.12 -7.19 -21.88
C ARG A 133 -8.52 -8.32 -22.70
N THR A 134 -8.70 -9.55 -22.22
CA THR A 134 -8.13 -10.72 -22.86
C THR A 134 -8.70 -10.95 -24.26
N VAL A 135 -9.98 -10.63 -24.42
CA VAL A 135 -10.68 -10.81 -25.69
C VAL A 135 -10.16 -9.88 -26.79
N GLN A 136 -9.76 -8.67 -26.42
CA GLN A 136 -9.27 -7.68 -27.38
C GLN A 136 -7.81 -7.84 -27.73
N ILE A 137 -7.13 -8.76 -27.06
CA ILE A 137 -5.84 -9.22 -27.51
C ILE A 137 -6.09 -10.38 -28.47
N PRO A 138 -5.38 -10.40 -29.63
CA PRO A 138 -5.60 -11.47 -30.59
C PRO A 138 -5.00 -12.78 -30.09
N LEU A 139 -5.38 -13.86 -30.74
CA LEU A 139 -5.04 -15.18 -30.26
C LEU A 139 -3.56 -15.51 -30.42
N THR A 140 -2.91 -14.86 -31.37
CA THR A 140 -1.46 -15.02 -31.55
C THR A 140 -0.74 -14.15 -30.55
N GLU A 141 -0.79 -14.59 -29.29
CA GLU A 141 -0.25 -13.82 -28.19
C GLU A 141 -0.01 -14.69 -26.97
N SER A 142 0.58 -14.08 -25.94
CA SER A 142 1.09 -14.80 -24.79
C SER A 142 -0.01 -15.23 -23.85
N TYR A 143 0.01 -16.51 -23.50
CA TYR A 143 -0.90 -17.07 -22.52
C TYR A 143 -0.10 -17.30 -21.26
N CYS A 144 -0.64 -16.86 -20.14
CA CYS A 144 0.03 -17.06 -18.86
C CYS A 144 -0.23 -18.48 -18.38
N GLY A 145 0.82 -19.12 -17.87
CA GLY A 145 0.80 -20.55 -17.50
C GLY A 145 -0.30 -21.01 -16.53
N PRO A 146 -0.54 -22.32 -16.45
CA PRO A 146 -1.69 -22.88 -15.71
C PRO A 146 -1.80 -22.31 -14.32
N CYS A 147 -2.93 -21.68 -14.00
CA CYS A 147 -3.19 -21.16 -12.67
C CYS A 147 -4.61 -21.43 -12.29
N PRO A 148 -4.93 -21.36 -10.98
CA PRO A 148 -6.33 -21.50 -10.59
C PRO A 148 -7.14 -20.32 -11.06
N LYS A 149 -8.46 -20.51 -11.11
CA LYS A 149 -9.35 -19.66 -11.87
C LYS A 149 -9.17 -18.20 -11.53
N ASN A 150 -9.31 -17.85 -10.25
CA ASN A 150 -9.30 -16.44 -9.84
C ASN A 150 -8.00 -16.05 -9.18
N TRP A 151 -6.89 -16.42 -9.79
CA TRP A 151 -5.58 -16.14 -9.25
C TRP A 151 -4.87 -15.23 -10.21
N ILE A 152 -3.99 -14.42 -9.65
CA ILE A 152 -3.22 -13.49 -10.44
C ILE A 152 -2.08 -14.27 -11.10
N CYS A 153 -2.06 -14.30 -12.43
CA CYS A 153 -1.01 -15.02 -13.15
C CYS A 153 0.00 -14.01 -13.64
N TYR A 154 1.26 -14.21 -13.30
CA TYR A 154 2.31 -13.31 -13.76
C TYR A 154 3.53 -14.12 -14.08
N LYS A 155 3.89 -14.09 -15.36
CA LYS A 155 5.02 -14.87 -15.86
C LYS A 155 4.88 -16.31 -15.40
N ASN A 156 3.71 -16.89 -15.64
CA ASN A 156 3.43 -18.30 -15.33
C ASN A 156 3.37 -18.70 -13.85
N ASN A 157 3.75 -17.81 -12.93
CA ASN A 157 3.54 -18.08 -11.51
C ASN A 157 2.19 -17.57 -11.16
N CYS A 158 1.59 -18.21 -10.17
CA CYS A 158 0.25 -17.89 -9.77
C CYS A 158 0.26 -17.36 -8.37
N TYR A 159 -0.49 -16.29 -8.13
CA TYR A 159 -0.53 -15.66 -6.82
C TYR A 159 -1.95 -15.34 -6.43
N GLN A 160 -2.22 -15.35 -5.13
CA GLN A 160 -3.45 -14.76 -4.60
C GLN A 160 -3.19 -14.19 -3.24
N PHE A 161 -3.84 -13.07 -2.95
CA PHE A 161 -3.64 -12.36 -1.70
C PHE A 161 -4.85 -12.52 -0.86
N PHE A 162 -4.60 -12.98 0.36
CA PHE A 162 -5.65 -13.21 1.28
C PHE A 162 -5.55 -12.12 2.30
N ASP A 163 -6.58 -11.30 2.30
CA ASP A 163 -6.65 -10.10 3.10
C ASP A 163 -7.23 -10.43 4.47
N GLU A 164 -7.98 -11.53 4.58
CA GLU A 164 -8.33 -12.08 5.89
C GLU A 164 -7.05 -12.50 6.61
N SER A 165 -6.69 -11.77 7.65
CA SER A 165 -5.39 -11.95 8.31
C SER A 165 -5.36 -13.18 9.22
N LYS A 166 -4.34 -13.99 9.06
CA LYS A 166 -4.18 -15.20 9.87
C LYS A 166 -2.72 -15.29 10.30
N ASN A 167 -2.43 -16.11 11.30
CA ASN A 167 -1.04 -16.29 11.73
C ASN A 167 -0.31 -17.09 10.67
N TRP A 168 0.99 -17.18 10.80
CA TRP A 168 1.78 -17.81 9.77
C TRP A 168 1.32 -19.24 9.49
N TYR A 169 1.06 -20.00 10.55
CA TYR A 169 0.81 -21.42 10.42
C TYR A 169 -0.50 -21.63 9.69
N GLU A 170 -1.51 -20.86 10.06
CA GLU A 170 -2.83 -20.89 9.42
C GLU A 170 -2.75 -20.44 7.99
N SER A 171 -1.93 -19.43 7.73
CA SER A 171 -1.71 -18.97 6.38
C SER A 171 -1.07 -20.05 5.51
N GLN A 172 -0.19 -20.85 6.10
CA GLN A 172 0.38 -21.98 5.39
C GLN A 172 -0.67 -23.01 5.06
N ALA A 173 -1.44 -23.38 6.07
CA ALA A 173 -2.51 -24.32 5.91
C ALA A 173 -3.53 -23.79 4.93
N SER A 174 -3.76 -22.48 4.95
CA SER A 174 -4.67 -21.84 4.02
C SER A 174 -4.20 -22.00 2.60
N CYS A 175 -2.92 -21.83 2.39
CA CYS A 175 -2.35 -22.06 1.08
C CYS A 175 -2.33 -23.54 0.71
N MET A 176 -2.09 -24.38 1.71
CA MET A 176 -2.13 -25.83 1.52
C MET A 176 -3.52 -26.32 1.10
N SER A 177 -4.56 -25.76 1.69
CA SER A 177 -5.94 -26.12 1.39
C SER A 177 -6.30 -25.88 -0.06
N GLN A 178 -5.63 -24.92 -0.70
CA GLN A 178 -5.83 -24.63 -2.10
C GLN A 178 -4.70 -25.20 -2.97
N ASN A 179 -4.08 -26.27 -2.48
CA ASN A 179 -3.03 -26.97 -3.17
C ASN A 179 -1.93 -26.02 -3.66
N ALA A 180 -1.55 -25.10 -2.78
CA ALA A 180 -0.54 -24.07 -3.04
C ALA A 180 0.37 -23.99 -1.84
N SER A 181 1.23 -22.98 -1.82
CA SER A 181 2.02 -22.68 -0.64
C SER A 181 2.17 -21.18 -0.52
N LEU A 182 2.68 -20.73 0.62
CA LEU A 182 2.95 -19.31 0.82
C LEU A 182 3.95 -18.81 -0.19
N LEU A 183 3.97 -17.49 -0.36
CA LEU A 183 4.88 -16.82 -1.30
C LEU A 183 6.31 -17.30 -1.13
N LYS A 184 6.89 -17.76 -2.22
CA LYS A 184 8.30 -18.04 -2.26
C LYS A 184 8.94 -17.12 -3.31
N VAL A 185 9.75 -16.17 -2.84
CA VAL A 185 10.55 -15.33 -3.72
C VAL A 185 11.76 -16.13 -4.18
N TYR A 186 11.93 -16.26 -5.48
CA TYR A 186 13.10 -16.88 -6.08
C TYR A 186 13.72 -16.07 -7.20
N SER A 187 13.15 -14.92 -7.57
CA SER A 187 13.57 -14.20 -8.77
C SER A 187 12.99 -12.79 -8.83
N LYS A 188 13.86 -11.81 -8.61
CA LYS A 188 13.48 -10.40 -8.70
C LYS A 188 12.94 -10.05 -10.07
N GLU A 189 13.49 -10.68 -11.10
CA GLU A 189 13.04 -10.42 -12.45
C GLU A 189 11.66 -10.98 -12.71
N ASP A 190 11.47 -12.27 -12.42
CA ASP A 190 10.21 -12.95 -12.70
C ASP A 190 9.11 -12.57 -11.73
N GLN A 191 9.49 -12.00 -10.60
CA GLN A 191 8.51 -11.59 -9.61
C GLN A 191 8.62 -10.10 -9.34
N ASP A 192 8.98 -9.31 -10.36
CA ASP A 192 9.10 -7.85 -10.18
C ASP A 192 7.74 -7.17 -9.91
N LEU A 193 6.65 -7.89 -10.19
CA LEU A 193 5.31 -7.52 -9.71
C LEU A 193 5.29 -7.19 -8.21
N LEU A 194 6.03 -7.96 -7.42
CA LEU A 194 6.09 -7.81 -5.96
C LEU A 194 6.55 -6.42 -5.48
N LYS A 195 7.20 -5.67 -6.35
CA LYS A 195 7.60 -4.28 -6.04
C LYS A 195 6.44 -3.38 -5.76
N LEU A 196 5.28 -3.69 -6.32
CA LEU A 196 4.14 -2.80 -6.23
C LEU A 196 3.13 -3.27 -5.21
N VAL A 197 3.50 -4.24 -4.40
CA VAL A 197 2.63 -4.70 -3.33
C VAL A 197 2.76 -3.74 -2.16
N LYS A 198 1.64 -3.28 -1.63
CA LYS A 198 1.67 -2.40 -0.46
C LYS A 198 1.48 -3.26 0.77
N SER A 199 1.81 -2.67 1.91
CA SER A 199 1.67 -3.34 3.18
C SER A 199 2.67 -4.49 3.27
N TYR A 200 2.48 -5.37 4.23
CA TYR A 200 3.26 -6.58 4.32
C TYR A 200 2.36 -7.79 4.43
N HIS A 201 2.95 -8.93 4.12
CA HIS A 201 2.18 -10.16 3.99
C HIS A 201 3.06 -11.31 4.36
N TRP A 202 2.47 -12.32 4.97
CA TRP A 202 3.17 -13.55 5.24
C TRP A 202 3.64 -14.17 3.94
N MET A 203 4.89 -14.61 3.95
CA MET A 203 5.43 -15.47 2.88
C MET A 203 5.96 -16.75 3.53
N GLY A 204 6.44 -17.67 2.68
CA GLY A 204 6.88 -19.00 3.13
C GLY A 204 8.31 -19.07 3.66
N LEU A 205 8.90 -17.93 4.03
CA LEU A 205 10.28 -17.90 4.49
C LEU A 205 10.30 -18.09 5.99
N VAL A 206 11.03 -19.11 6.43
CA VAL A 206 11.01 -19.53 7.82
C VAL A 206 12.42 -19.53 8.32
N HIS A 207 12.56 -19.04 9.54
CA HIS A 207 13.81 -19.07 10.25
C HIS A 207 13.93 -20.39 10.96
N ILE A 208 15.09 -21.02 10.85
CA ILE A 208 15.37 -22.15 11.71
C ILE A 208 16.20 -21.55 12.83
N PRO A 209 15.66 -21.49 14.06
CA PRO A 209 16.43 -20.89 15.17
C PRO A 209 17.72 -21.65 15.53
N THR A 210 17.72 -22.97 15.35
CA THR A 210 18.89 -23.80 15.62
C THR A 210 20.04 -23.45 14.69
N ASN A 211 19.79 -23.56 13.40
CA ASN A 211 20.78 -23.28 12.36
C ASN A 211 20.97 -21.79 12.17
N GLY A 212 20.03 -20.96 12.64
CA GLY A 212 20.04 -19.53 12.39
C GLY A 212 19.83 -19.18 10.92
N SER A 213 19.26 -20.12 10.15
CA SER A 213 19.18 -19.99 8.69
C SER A 213 17.79 -19.55 8.30
N TRP A 214 17.65 -19.20 7.02
CA TRP A 214 16.37 -18.89 6.45
C TRP A 214 16.14 -19.82 5.30
N GLN A 215 14.94 -20.37 5.24
CA GLN A 215 14.58 -21.26 4.16
C GLN A 215 13.11 -21.17 3.83
N TRP A 216 12.78 -21.63 2.65
CA TRP A 216 11.43 -21.60 2.17
C TRP A 216 10.64 -22.77 2.71
N GLU A 217 9.33 -22.72 2.46
CA GLU A 217 8.37 -23.71 2.94
C GLU A 217 8.75 -25.13 2.53
N ASP A 218 9.27 -25.25 1.32
CA ASP A 218 9.56 -26.54 0.72
C ASP A 218 11.00 -27.04 0.91
N GLY A 219 11.74 -26.41 1.84
CA GLY A 219 13.11 -26.81 2.15
C GLY A 219 14.16 -25.93 1.51
N SER A 220 13.87 -25.35 0.33
CA SER A 220 14.83 -24.52 -0.41
C SER A 220 15.42 -23.46 0.48
N ILE A 221 16.73 -23.27 0.38
CA ILE A 221 17.40 -22.23 1.16
C ILE A 221 17.24 -20.90 0.44
N LEU A 222 17.26 -19.82 1.22
CA LEU A 222 17.12 -18.48 0.69
C LEU A 222 18.32 -18.12 -0.15
N SER A 223 18.04 -17.65 -1.35
CA SER A 223 19.08 -17.19 -2.28
C SER A 223 19.67 -15.87 -1.80
N PRO A 224 21.00 -15.70 -1.91
CA PRO A 224 21.56 -14.40 -1.51
C PRO A 224 21.30 -13.35 -2.56
N ASN A 225 21.34 -12.10 -2.11
CA ASN A 225 20.99 -10.92 -2.92
C ASN A 225 19.59 -10.97 -3.57
N LEU A 226 18.66 -11.61 -2.88
CA LEU A 226 17.27 -11.69 -3.29
C LEU A 226 16.33 -10.84 -2.43
N LEU A 227 16.64 -10.75 -1.14
CA LEU A 227 15.81 -10.01 -0.20
C LEU A 227 16.67 -9.23 0.80
N THR A 228 16.15 -8.11 1.29
CA THR A 228 16.72 -7.45 2.46
C THR A 228 15.93 -7.89 3.68
N ILE A 229 16.61 -8.42 4.67
CA ILE A 229 15.95 -8.87 5.87
C ILE A 229 16.16 -7.84 6.96
N ILE A 230 15.07 -7.40 7.57
CA ILE A 230 15.10 -6.48 8.68
C ILE A 230 14.45 -7.14 9.88
N GLU A 231 15.11 -6.98 11.01
CA GLU A 231 14.60 -7.48 12.28
C GLU A 231 13.55 -6.49 12.74
N MET A 232 12.31 -6.94 12.91
CA MET A 232 11.26 -6.07 13.38
C MET A 232 10.74 -6.62 14.68
N GLN A 233 10.10 -7.78 14.60
CA GLN A 233 9.56 -8.45 15.76
C GLN A 233 10.29 -9.77 15.83
N LYS A 234 10.82 -10.09 16.99
CA LYS A 234 11.52 -11.36 17.15
C LYS A 234 10.58 -12.53 16.91
N GLY A 235 11.04 -13.46 16.08
CA GLY A 235 10.20 -14.55 15.59
C GLY A 235 10.88 -15.31 14.49
N ASP A 236 10.22 -16.37 14.04
CA ASP A 236 10.82 -17.29 13.06
C ASP A 236 10.10 -17.32 11.73
N CYS A 237 9.51 -16.19 11.36
CA CYS A 237 8.72 -16.10 10.15
C CYS A 237 8.96 -14.72 9.56
N ALA A 238 8.77 -14.60 8.26
CA ALA A 238 9.09 -13.37 7.56
C ALA A 238 7.91 -12.84 6.78
N LEU A 239 7.61 -11.56 6.98
CA LEU A 239 6.64 -10.87 6.18
C LEU A 239 7.35 -10.28 4.98
N TYR A 240 6.80 -10.51 3.80
CA TYR A 240 7.27 -9.79 2.63
C TYR A 240 6.78 -8.35 2.72
N ALA A 241 7.63 -7.41 2.34
CA ALA A 241 7.22 -6.03 2.16
C ALA A 241 7.94 -5.48 0.93
N SER A 242 7.42 -4.38 0.40
CA SER A 242 7.79 -3.97 -0.94
C SER A 242 9.20 -3.47 -1.06
N SER A 243 9.72 -3.56 -2.28
CA SER A 243 11.13 -3.37 -2.62
C SER A 243 11.94 -4.53 -2.03
N PHE A 244 11.43 -5.73 -2.29
CA PHE A 244 12.04 -6.99 -1.89
C PHE A 244 12.64 -6.99 -0.49
N LYS A 245 11.80 -6.78 0.50
CA LYS A 245 12.21 -6.86 1.88
C LYS A 245 11.52 -8.01 2.58
N GLY A 246 12.15 -8.49 3.65
CA GLY A 246 11.65 -9.62 4.43
C GLY A 246 11.71 -9.27 5.90
N TYR A 247 10.61 -8.74 6.44
CA TYR A 247 10.58 -8.32 7.83
C TYR A 247 10.31 -9.48 8.76
N ILE A 248 11.19 -9.66 9.74
CA ILE A 248 11.08 -10.78 10.67
C ILE A 248 9.95 -10.51 11.64
N GLU A 249 9.04 -11.48 11.76
CA GLU A 249 7.81 -11.31 12.50
C GLU A 249 7.51 -12.58 13.29
N ASN A 250 6.84 -12.44 14.43
CA ASN A 250 6.41 -13.58 15.25
C ASN A 250 5.37 -14.37 14.47
N CYS A 251 5.56 -15.67 14.38
CA CYS A 251 4.72 -16.53 13.53
C CYS A 251 3.24 -16.53 13.94
N SER A 252 3.00 -16.29 15.22
CA SER A 252 1.64 -16.22 15.74
C SER A 252 0.93 -14.89 15.52
N THR A 253 1.66 -13.87 15.05
CA THR A 253 1.04 -12.59 14.75
C THR A 253 0.18 -12.71 13.50
N PRO A 254 -1.12 -12.40 13.62
CA PRO A 254 -1.95 -12.54 12.43
C PRO A 254 -1.66 -11.42 11.44
N ASN A 255 -1.44 -11.82 10.20
CA ASN A 255 -1.20 -10.88 9.12
C ASN A 255 -1.84 -11.40 7.87
N THR A 256 -1.87 -10.57 6.84
CA THR A 256 -2.34 -11.04 5.54
C THR A 256 -1.24 -11.87 4.96
N TYR A 257 -1.54 -12.55 3.86
CA TYR A 257 -0.61 -13.49 3.29
C TYR A 257 -0.80 -13.66 1.80
N ILE A 258 0.21 -14.24 1.17
CA ILE A 258 0.22 -14.45 -0.27
C ILE A 258 0.51 -15.91 -0.56
N CYS A 259 -0.42 -16.58 -1.21
CA CYS A 259 -0.19 -17.95 -1.67
C CYS A 259 0.43 -17.89 -3.06
N MET A 260 1.07 -18.99 -3.44
CA MET A 260 1.60 -19.18 -4.78
C MET A 260 1.59 -20.66 -5.13
N GLN A 261 1.24 -20.98 -6.38
CA GLN A 261 1.37 -22.35 -6.89
C GLN A 261 2.83 -22.69 -6.95
N ARG A 262 3.15 -23.89 -6.45
CA ARG A 262 4.50 -24.26 -6.03
C ARG A 262 5.45 -24.47 -7.19
N THR A 263 6.74 -24.34 -6.87
CA THR A 263 7.83 -24.63 -7.79
C THR A 263 8.41 -26.00 -7.41
N GLU B 1 -16.86 27.43 12.58
CA GLU B 1 -16.44 27.17 11.17
C GLU B 1 -14.98 26.73 10.94
N PRO B 2 -13.99 27.14 11.80
CA PRO B 2 -12.72 26.43 11.64
C PRO B 2 -12.79 25.06 12.26
N HIS B 3 -12.28 24.07 11.53
CA HIS B 3 -12.29 22.68 11.96
C HIS B 3 -10.94 22.06 11.80
N SER B 4 -10.71 21.00 12.56
CA SER B 4 -9.49 20.25 12.46
C SER B 4 -9.75 18.77 12.69
N LEU B 5 -8.96 17.94 12.03
CA LEU B 5 -8.93 16.51 12.29
C LEU B 5 -7.51 16.18 12.66
N ARG B 6 -7.36 15.40 13.72
CA ARG B 6 -6.07 15.09 14.25
C ARG B 6 -6.01 13.61 14.49
N TYR B 7 -5.16 12.92 13.73
CA TYR B 7 -4.87 11.53 13.98
C TYR B 7 -3.58 11.42 14.74
N ASN B 8 -3.52 10.45 15.63
CA ASN B 8 -2.39 10.24 16.50
C ASN B 8 -2.23 8.75 16.63
N LEU B 9 -1.28 8.21 15.89
CA LEU B 9 -1.06 6.78 15.89
C LEU B 9 0.24 6.47 16.59
N THR B 10 0.19 5.52 17.51
CA THR B 10 1.36 5.14 18.28
C THR B 10 1.67 3.67 18.08
N VAL B 11 2.95 3.37 17.89
CA VAL B 11 3.45 2.00 17.85
C VAL B 11 4.61 1.92 18.80
N LEU B 12 4.82 0.74 19.36
CA LEU B 12 5.70 0.56 20.49
C LEU B 12 6.73 -0.51 20.18
N SER B 13 7.91 -0.36 20.76
CA SER B 13 8.90 -1.42 20.69
C SER B 13 9.43 -1.70 22.09
N TRP B 14 9.63 -2.97 22.37
CA TRP B 14 10.07 -3.41 23.66
C TRP B 14 11.33 -4.21 23.43
N ASP B 15 12.40 -3.79 24.09
CA ASP B 15 13.73 -4.35 23.89
C ASP B 15 14.08 -4.44 22.41
N GLY B 16 13.78 -3.36 21.69
CA GLY B 16 13.97 -3.32 20.24
C GLY B 16 12.99 -4.11 19.36
N SER B 17 12.11 -4.91 19.95
CA SER B 17 11.13 -5.69 19.20
C SER B 17 9.85 -4.88 19.05
N VAL B 18 9.44 -4.57 17.81
CA VAL B 18 8.24 -3.75 17.58
C VAL B 18 7.02 -4.60 17.88
N GLN B 19 6.17 -4.10 18.77
CA GLN B 19 4.99 -4.83 19.23
C GLN B 19 3.99 -5.01 18.13
N SER B 20 3.13 -6.00 18.30
CA SER B 20 2.03 -6.20 17.40
C SER B 20 0.99 -5.10 17.62
N GLY B 21 0.33 -4.72 16.54
CA GLY B 21 -0.80 -3.79 16.57
C GLY B 21 -0.36 -2.36 16.71
N PHE B 22 -1.26 -1.52 17.21
CA PHE B 22 -1.03 -0.09 17.28
C PHE B 22 -2.15 0.56 18.07
N LEU B 23 -2.02 1.84 18.35
CA LEU B 23 -3.07 2.58 19.01
C LEU B 23 -3.25 3.95 18.38
N THR B 24 -4.46 4.26 17.94
CA THR B 24 -4.72 5.51 17.26
C THR B 24 -5.75 6.33 18.01
N GLU B 25 -5.41 7.58 18.31
CA GLU B 25 -6.36 8.58 18.82
C GLU B 25 -6.71 9.52 17.68
N VAL B 26 -8.01 9.70 17.45
CA VAL B 26 -8.47 10.68 16.50
C VAL B 26 -9.23 11.74 17.26
N HIS B 27 -8.98 13.00 16.89
CA HIS B 27 -9.67 14.13 17.49
C HIS B 27 -10.30 14.92 16.38
N LEU B 28 -11.55 15.28 16.62
CA LEU B 28 -12.33 16.06 15.69
C LEU B 28 -12.57 17.41 16.34
N ASP B 29 -12.04 18.48 15.76
CA ASP B 29 -12.02 19.82 16.39
C ASP B 29 -11.54 19.80 17.84
N GLY B 30 -10.49 19.02 18.10
CA GLY B 30 -9.93 18.85 19.44
C GLY B 30 -10.75 18.02 20.41
N GLN B 31 -11.89 17.48 19.97
CA GLN B 31 -12.71 16.61 20.81
C GLN B 31 -12.34 15.17 20.48
N PRO B 32 -12.07 14.35 21.50
CA PRO B 32 -11.70 12.96 21.24
C PRO B 32 -12.82 12.21 20.53
N PHE B 33 -12.47 11.57 19.41
CA PHE B 33 -13.44 11.11 18.44
C PHE B 33 -13.39 9.60 18.24
N LEU B 34 -12.20 9.04 18.04
CA LEU B 34 -12.01 7.59 17.96
C LEU B 34 -10.77 7.13 18.69
N ARG B 35 -10.84 5.91 19.23
CA ARG B 35 -9.67 5.17 19.74
C ARG B 35 -9.69 3.84 19.02
N CYS B 36 -8.69 3.63 18.18
CA CYS B 36 -8.65 2.44 17.33
C CYS B 36 -7.43 1.65 17.65
N ASP B 37 -7.51 0.36 17.37
CA ASP B 37 -6.36 -0.54 17.42
C ASP B 37 -6.50 -1.60 16.32
N ARG B 38 -5.67 -2.65 16.38
CA ARG B 38 -5.69 -3.72 15.38
C ARG B 38 -7.07 -4.32 15.21
N GLN B 39 -7.75 -4.54 16.34
CA GLN B 39 -9.05 -5.20 16.35
C GLN B 39 -10.14 -4.36 15.69
N LYS B 40 -10.47 -3.23 16.30
CA LYS B 40 -11.58 -2.40 15.82
C LYS B 40 -11.46 -0.97 16.30
N CYS B 41 -12.44 -0.14 15.91
CA CYS B 41 -12.48 1.27 16.27
C CYS B 41 -13.66 1.51 17.17
N ARG B 42 -13.53 2.44 18.10
CA ARG B 42 -14.58 2.74 19.08
C ARG B 42 -14.63 4.23 19.39
N ALA B 43 -15.83 4.80 19.36
CA ALA B 43 -16.02 6.26 19.49
C ALA B 43 -15.82 6.80 20.90
N ASN B 56 -25.83 1.81 14.32
CA ASN B 56 -24.99 1.29 13.24
C ASN B 56 -23.73 2.15 13.03
N LYS B 57 -22.82 2.10 14.01
CA LYS B 57 -21.50 2.72 13.89
C LYS B 57 -20.55 1.69 13.26
N THR B 58 -20.16 1.95 12.01
CA THR B 58 -19.25 1.08 11.27
C THR B 58 -18.04 1.92 10.92
N TRP B 59 -16.87 1.35 11.20
CA TRP B 59 -15.65 2.04 10.99
C TRP B 59 -14.74 1.19 10.14
N ASP B 60 -15.27 0.63 9.07
CA ASP B 60 -14.48 -0.26 8.22
C ASP B 60 -13.43 0.52 7.46
N ARG B 61 -13.73 1.75 7.04
CA ARG B 61 -12.76 2.62 6.38
C ARG B 61 -11.62 2.94 7.34
N GLU B 62 -11.97 3.32 8.56
CA GLU B 62 -10.98 3.73 9.56
C GLU B 62 -10.10 2.57 9.96
N THR B 63 -10.74 1.43 10.20
CA THR B 63 -10.02 0.25 10.60
C THR B 63 -9.04 -0.17 9.51
N ARG B 64 -9.49 -0.13 8.26
CA ARG B 64 -8.62 -0.44 7.11
C ARG B 64 -7.45 0.52 7.04
N ASP B 65 -7.76 1.82 7.01
CA ASP B 65 -6.73 2.84 6.81
C ASP B 65 -5.77 2.93 7.98
N LEU B 66 -6.30 2.94 9.19
CA LEU B 66 -5.43 3.01 10.36
C LEU B 66 -4.58 1.77 10.53
N THR B 67 -5.13 0.60 10.19
CA THR B 67 -4.37 -0.64 10.23
C THR B 67 -3.18 -0.57 9.28
N GLY B 68 -3.44 -0.06 8.08
CA GLY B 68 -2.40 0.12 7.08
C GLY B 68 -1.29 1.06 7.55
N TRP B 69 -1.71 2.16 8.15
CA TRP B 69 -0.80 3.14 8.74
C TRP B 69 -0.04 2.49 9.90
N GLY B 70 -0.76 1.76 10.76
CA GLY B 70 -0.14 1.01 11.85
C GLY B 70 0.98 0.13 11.35
N LYS B 71 0.67 -0.65 10.31
CA LYS B 71 1.67 -1.44 9.60
C LYS B 71 2.88 -0.62 9.12
N ASP B 72 2.63 0.54 8.50
CA ASP B 72 3.71 1.42 8.03
C ASP B 72 4.56 1.99 9.13
N LEU B 73 3.92 2.41 10.21
CA LEU B 73 4.65 3.02 11.28
C LEU B 73 5.46 1.97 12.02
N ARG B 74 4.95 0.74 12.08
CA ARG B 74 5.72 -0.36 12.66
C ARG B 74 6.99 -0.65 11.86
N MET B 75 6.89 -0.61 10.53
CA MET B 75 8.05 -0.69 9.65
C MET B 75 9.05 0.42 9.96
N THR B 76 8.49 1.61 10.11
CA THR B 76 9.30 2.79 10.37
C THR B 76 10.06 2.67 11.69
N LEU B 77 9.37 2.21 12.72
CA LEU B 77 9.97 2.05 14.02
C LEU B 77 11.01 0.97 13.99
N ALA B 78 10.73 -0.09 13.25
CA ALA B 78 11.69 -1.18 13.09
C ALA B 78 12.99 -0.73 12.41
N HIS B 79 12.87 0.25 11.53
CA HIS B 79 14.01 0.81 10.85
C HIS B 79 14.86 1.78 11.73
N ILE B 80 14.35 2.22 12.88
CA ILE B 80 15.14 3.06 13.79
C ILE B 80 16.21 2.21 14.46
N LYS B 81 17.46 2.54 14.17
CA LYS B 81 18.58 1.83 14.75
C LYS B 81 18.94 2.50 16.07
N ASP B 82 18.10 2.42 17.09
CA ASP B 82 18.36 3.20 18.31
C ASP B 82 19.00 2.32 19.36
N GLN B 83 18.16 1.70 20.17
CA GLN B 83 18.59 0.82 21.20
C GLN B 83 17.45 -0.13 21.43
N LYS B 84 17.80 -1.30 21.95
CA LYS B 84 16.83 -2.30 22.33
C LYS B 84 16.73 -2.35 23.85
N GLU B 85 16.52 -1.18 24.48
CA GLU B 85 16.50 -0.99 25.92
C GLU B 85 15.20 -0.40 26.35
N GLY B 86 14.29 -1.25 26.79
CA GLY B 86 13.05 -0.82 27.37
C GLY B 86 12.03 -0.51 26.32
N LEU B 87 11.10 0.31 26.72
CA LEU B 87 10.01 0.71 25.88
C LEU B 87 10.46 1.91 25.09
N HIS B 88 10.11 1.88 23.81
CA HIS B 88 10.17 3.04 22.98
C HIS B 88 8.87 3.16 22.25
N SER B 89 8.51 4.38 21.91
CA SER B 89 7.32 4.59 21.17
C SER B 89 7.65 5.46 20.00
N LEU B 90 7.09 5.12 18.86
CA LEU B 90 7.05 6.01 17.73
C LEU B 90 5.63 6.41 17.53
N GLN B 91 5.42 7.70 17.44
CA GLN B 91 4.11 8.23 17.41
C GLN B 91 4.07 9.20 16.26
N GLU B 92 3.16 8.97 15.32
CA GLU B 92 2.95 9.90 14.25
C GLU B 92 1.65 10.64 14.43
N ILE B 93 1.71 11.96 14.31
CA ILE B 93 0.54 12.80 14.35
C ILE B 93 0.31 13.32 12.96
N ARG B 94 -0.94 13.26 12.53
CA ARG B 94 -1.36 13.86 11.28
C ARG B 94 -2.51 14.80 11.59
N VAL B 95 -2.35 16.05 11.19
CA VAL B 95 -3.32 17.08 11.43
C VAL B 95 -3.70 17.70 10.11
N CYS B 96 -4.97 18.04 9.98
CA CYS B 96 -5.42 18.89 8.90
C CYS B 96 -6.50 19.80 9.45
N GLU B 97 -6.47 21.04 8.98
CA GLU B 97 -7.35 22.05 9.46
C GLU B 97 -8.04 22.65 8.28
N ILE B 98 -9.31 22.99 8.46
CA ILE B 98 -10.01 23.81 7.51
C ILE B 98 -10.33 25.09 8.24
N HIS B 99 -9.75 26.20 7.81
CA HIS B 99 -9.93 27.46 8.50
C HIS B 99 -11.22 28.11 8.11
N GLU B 100 -11.59 29.13 8.87
CA GLU B 100 -12.82 29.88 8.66
C GLU B 100 -12.93 30.36 7.21
N ASP B 101 -11.81 30.83 6.67
CA ASP B 101 -11.76 31.31 5.31
C ASP B 101 -11.50 30.18 4.30
N ASN B 102 -11.85 28.94 4.68
CA ASN B 102 -11.71 27.78 3.81
C ASN B 102 -10.29 27.34 3.44
N SER B 103 -9.25 27.96 4.02
CA SER B 103 -7.88 27.61 3.69
C SER B 103 -7.50 26.45 4.57
N THR B 104 -6.42 25.77 4.26
CA THR B 104 -6.05 24.59 5.01
C THR B 104 -4.68 24.69 5.58
N ARG B 105 -4.50 23.98 6.67
CA ARG B 105 -3.19 23.67 7.19
C ARG B 105 -3.18 22.19 7.43
N SER B 106 -2.00 21.61 7.40
CA SER B 106 -1.89 20.19 7.53
C SER B 106 -0.45 19.87 7.80
N SER B 107 -0.24 18.90 8.66
CA SER B 107 1.10 18.58 9.05
C SER B 107 1.24 17.17 9.53
N GLN B 108 2.48 16.74 9.65
CA GLN B 108 2.83 15.39 10.02
C GLN B 108 3.92 15.56 11.03
N HIS B 109 3.79 14.86 12.15
CA HIS B 109 4.74 15.01 13.23
C HIS B 109 5.05 13.70 13.88
N PHE B 110 6.32 13.47 14.13
CA PHE B 110 6.75 12.24 14.72
C PHE B 110 7.28 12.55 16.07
N TYR B 111 6.86 11.75 17.04
CA TYR B 111 7.38 11.80 18.37
C TYR B 111 8.04 10.49 18.67
N TYR B 112 9.24 10.56 19.25
CA TYR B 112 9.91 9.37 19.69
C TYR B 112 10.05 9.53 21.18
N ASP B 113 9.47 8.57 21.90
CA ASP B 113 9.38 8.65 23.35
C ASP B 113 8.88 10.02 23.80
N GLY B 114 7.80 10.48 23.15
CA GLY B 114 7.16 11.75 23.48
C GLY B 114 7.89 13.03 23.12
N GLU B 115 9.04 12.92 22.47
CA GLU B 115 9.81 14.09 22.05
C GLU B 115 9.55 14.26 20.59
N LEU B 116 9.04 15.45 20.23
CA LEU B 116 8.87 15.82 18.84
C LEU B 116 10.23 15.87 18.25
N PHE B 117 10.44 15.10 17.19
CA PHE B 117 11.72 15.11 16.52
C PHE B 117 11.66 15.31 15.02
N LEU B 118 10.49 15.35 14.43
CA LEU B 118 10.42 15.56 13.00
C LEU B 118 9.04 16.00 12.66
N SER B 119 8.97 17.00 11.79
CA SER B 119 7.71 17.49 11.31
C SER B 119 7.81 17.76 9.83
N GLN B 120 6.69 17.56 9.16
CA GLN B 120 6.55 18.04 7.81
C GLN B 120 5.29 18.84 7.76
N ASN B 121 5.40 20.02 7.15
CA ASN B 121 4.22 20.79 6.80
C ASN B 121 3.70 20.20 5.49
N LEU B 122 2.48 19.65 5.49
CA LEU B 122 1.91 19.00 4.30
C LEU B 122 1.33 19.99 3.29
N GLU B 123 1.22 21.26 3.66
CA GLU B 123 0.90 22.29 2.69
C GLU B 123 2.10 22.62 1.83
N THR B 124 3.27 22.69 2.46
CA THR B 124 4.50 23.08 1.77
C THR B 124 5.49 21.95 1.50
N LEU B 125 5.28 20.77 2.09
CA LEU B 125 6.22 19.65 2.02
C LEU B 125 7.66 20.00 2.47
N GLU B 126 7.77 20.90 3.43
CA GLU B 126 9.07 21.23 4.00
C GLU B 126 9.10 20.58 5.36
N TRP B 127 10.25 20.00 5.65
CA TRP B 127 10.45 19.35 6.91
C TRP B 127 11.10 20.35 7.85
N THR B 128 10.75 20.26 9.12
CA THR B 128 11.53 20.93 10.15
C THR B 128 12.24 19.86 10.95
N MET B 129 13.56 19.98 10.96
CA MET B 129 14.42 19.08 11.71
C MET B 129 14.66 19.66 13.08
N PRO B 130 14.85 18.79 14.08
CA PRO B 130 14.99 19.23 15.46
C PRO B 130 16.39 19.82 15.73
N GLN B 131 16.58 20.37 16.92
CA GLN B 131 17.85 21.03 17.27
C GLN B 131 18.95 20.04 17.70
N SER B 132 18.63 19.08 18.57
CA SER B 132 19.63 18.17 19.11
C SER B 132 20.03 17.18 18.04
N SER B 133 21.31 16.85 18.02
CA SER B 133 21.82 15.90 17.06
C SER B 133 21.22 14.51 17.27
N ARG B 134 20.89 14.15 18.50
CA ARG B 134 20.19 12.90 18.73
C ARG B 134 18.89 12.97 17.94
N ALA B 135 18.02 13.90 18.32
CA ALA B 135 16.75 14.05 17.62
C ALA B 135 16.96 14.10 16.10
N GLN B 136 18.01 14.77 15.66
CA GLN B 136 18.32 14.80 14.25
C GLN B 136 18.62 13.43 13.69
N THR B 137 19.29 12.58 14.46
CA THR B 137 19.56 11.22 14.03
C THR B 137 18.29 10.46 13.81
N LEU B 138 17.39 10.57 14.76
CA LEU B 138 16.10 9.96 14.61
C LEU B 138 15.41 10.44 13.35
N ALA B 139 15.43 11.76 13.15
CA ALA B 139 14.78 12.37 12.00
C ALA B 139 15.36 11.84 10.69
N MET B 140 16.68 11.78 10.63
CA MET B 140 17.32 11.28 9.44
C MET B 140 17.07 9.81 9.17
N ASN B 141 17.01 8.99 10.21
CA ASN B 141 16.65 7.59 10.00
C ASN B 141 15.32 7.62 9.30
N VAL B 142 14.35 8.15 10.00
CA VAL B 142 12.98 8.11 9.54
C VAL B 142 12.85 8.70 8.14
N ARG B 143 13.49 9.85 7.89
CA ARG B 143 13.45 10.45 6.56
C ARG B 143 14.03 9.53 5.52
N ASN B 144 15.10 8.83 5.88
CA ASN B 144 15.66 7.78 5.00
C ASN B 144 14.64 6.74 4.72
N PHE B 145 14.09 6.21 5.78
CA PHE B 145 13.10 5.17 5.65
C PHE B 145 11.95 5.58 4.73
N LEU B 146 11.41 6.76 4.98
CA LEU B 146 10.25 7.24 4.24
C LEU B 146 10.59 7.42 2.79
N LYS B 147 11.77 7.95 2.51
CA LYS B 147 12.13 8.22 1.14
C LYS B 147 12.59 6.97 0.45
N GLU B 148 13.39 6.15 1.12
CA GLU B 148 13.99 5.01 0.44
C GLU B 148 13.15 3.76 0.55
N ASP B 149 12.82 3.37 1.76
CA ASP B 149 12.17 2.08 1.95
C ASP B 149 10.70 2.15 1.58
N ALA B 150 10.01 3.14 2.15
CA ALA B 150 8.60 3.37 1.86
C ALA B 150 8.40 3.99 0.48
N MET B 151 9.47 4.56 -0.08
CA MET B 151 9.47 5.16 -1.40
C MET B 151 8.46 6.28 -1.51
N GLU B 152 8.31 7.03 -0.42
CA GLU B 152 7.34 8.10 -0.36
C GLU B 152 7.83 9.29 -1.14
N THR B 153 6.90 9.89 -1.87
CA THR B 153 7.19 11.01 -2.75
C THR B 153 6.28 12.16 -2.43
N ASP B 154 6.47 13.29 -3.10
CA ASP B 154 5.59 14.47 -2.95
C ASP B 154 4.13 14.09 -3.11
N THR B 155 3.87 13.24 -4.10
CA THR B 155 2.52 12.79 -4.39
C THR B 155 1.89 12.11 -3.18
N HIS B 156 2.65 11.26 -2.53
CA HIS B 156 2.19 10.57 -1.35
C HIS B 156 1.77 11.53 -0.28
N TYR B 157 2.54 12.59 -0.09
CA TYR B 157 2.25 13.59 0.94
C TYR B 157 1.15 14.54 0.53
N HIS B 158 1.04 14.85 -0.76
CA HIS B 158 -0.15 15.54 -1.26
C HIS B 158 -1.36 14.72 -0.94
N ALA B 159 -1.27 13.44 -1.27
CA ALA B 159 -2.34 12.50 -1.03
C ALA B 159 -2.68 12.33 0.44
N MET B 160 -1.67 12.40 1.28
CA MET B 160 -1.88 12.31 2.71
C MET B 160 -2.70 13.49 3.23
N ARG B 161 -2.38 14.67 2.74
CA ARG B 161 -3.11 15.86 3.10
C ARG B 161 -4.55 15.71 2.65
N ALA B 162 -4.72 15.30 1.40
CA ALA B 162 -6.05 15.14 0.80
C ALA B 162 -6.89 14.12 1.55
N ASP B 163 -6.31 12.96 1.84
CA ASP B 163 -6.98 11.95 2.64
C ASP B 163 -7.54 12.51 3.93
N CYS B 164 -6.66 13.16 4.68
CA CYS B 164 -7.03 13.76 5.95
C CYS B 164 -8.19 14.74 5.78
N LEU B 165 -8.06 15.64 4.81
CA LEU B 165 -9.09 16.63 4.53
C LEU B 165 -10.38 15.98 4.07
N SER B 166 -10.28 14.97 3.21
CA SER B 166 -11.46 14.23 2.74
C SER B 166 -12.22 13.64 3.89
N GLU B 167 -11.49 13.00 4.79
CA GLU B 167 -12.07 12.42 6.01
C GLU B 167 -12.70 13.51 6.88
N LEU B 168 -11.99 14.62 7.09
CA LEU B 168 -12.54 15.72 7.88
C LEU B 168 -13.85 16.21 7.28
N ARG B 169 -13.87 16.40 5.96
CA ARG B 169 -15.09 16.75 5.25
C ARG B 169 -16.16 15.69 5.59
N ARG B 170 -15.84 14.44 5.27
CA ARG B 170 -16.78 13.33 5.45
C ARG B 170 -17.42 13.37 6.82
N TYR B 171 -16.60 13.51 7.85
CA TYR B 171 -17.12 13.56 9.22
C TYR B 171 -18.02 14.77 9.45
N LEU B 172 -17.62 15.93 8.94
CA LEU B 172 -18.43 17.16 9.04
C LEU B 172 -19.78 16.98 8.35
N LYS B 173 -19.76 16.33 7.19
CA LYS B 173 -20.97 16.04 6.42
C LYS B 173 -22.05 15.30 7.25
N SER B 174 -21.66 14.31 8.05
CA SER B 174 -22.60 13.56 8.88
C SER B 174 -22.81 14.27 10.21
N GLY B 175 -21.83 14.21 11.11
CA GLY B 175 -21.96 14.70 12.50
C GLY B 175 -21.13 13.87 13.44
C1 NAG C . -0.42 10.04 22.25
C2 NAG C . -0.77 11.35 22.91
C3 NAG C . -0.61 11.03 24.38
C4 NAG C . -1.53 9.88 24.78
C5 NAG C . -1.66 8.75 23.73
C6 NAG C . -2.97 8.00 23.97
C7 NAG C . -0.45 13.66 22.11
C8 NAG C . 0.56 14.70 21.75
N2 NAG C . 0.05 12.49 22.53
O3 NAG C . -0.94 12.15 25.19
O4 NAG C . -1.03 9.28 25.99
O5 NAG C . -1.56 9.20 22.37
O6 NAG C . -3.29 7.27 22.78
O7 NAG C . -1.65 13.89 22.02
C1 NAG C . -1.74 9.66 27.20
C2 NAG C . -1.58 8.52 28.19
C3 NAG C . -2.20 8.89 29.54
C4 NAG C . -1.58 10.20 30.04
C5 NAG C . -1.82 11.28 28.99
C6 NAG C . -1.21 12.62 29.41
C7 NAG C . -1.50 6.30 27.08
C8 NAG C . -2.33 5.14 26.62
N2 NAG C . -2.19 7.29 27.68
O3 NAG C . -2.02 7.83 30.49
O4 NAG C . -2.13 10.56 31.31
O5 NAG C . -1.25 10.87 27.75
O6 NAG C . -1.50 13.61 28.42
O7 NAG C . -0.30 6.34 26.87
C1 NAG D . -15.18 25.51 -0.15
C2 NAG D . -16.41 26.20 -0.75
C3 NAG D . -17.46 25.18 -1.15
C4 NAG D . -16.85 24.06 -1.99
C5 NAG D . -15.61 23.46 -1.33
C6 NAG D . -14.98 22.37 -2.21
C7 NAG D . -17.18 28.48 -0.11
C8 NAG D . -17.76 29.32 0.99
N2 NAG D . -16.99 27.19 0.18
O3 NAG D . -18.49 25.84 -1.90
O4 NAG D . -17.80 23.02 -2.21
O5 NAG D . -14.68 24.50 -1.02
O6 NAG D . -13.56 22.49 -2.22
O7 NAG D . -16.92 28.97 -1.20
#